data_5IFR
#
_entry.id   5IFR
#
_cell.length_a   42.125
_cell.length_b   52.271
_cell.length_c   53.624
_cell.angle_alpha   90.00
_cell.angle_beta   100.78
_cell.angle_gamma   90.00
#
_symmetry.space_group_name_H-M   'P 1 21 1'
#
loop_
_entity.id
_entity.type
_entity.pdbx_description
1 polymer 'Ubiquitin-conjugating enzyme E2 D3'
2 polymer Polyubiquitin-B
3 non-polymer GLYCEROL
4 water water
#
loop_
_entity_poly.entity_id
_entity_poly.type
_entity_poly.pdbx_seq_one_letter_code
_entity_poly.pdbx_strand_id
1 'polypeptide(L)'
;GPLGSALKRINKELSDLARDPPAQCSAGPVGDDMFHWQATIMGPNDSPYQGGVFFLTIHFPTDYPFKPPKVAFTTRIYHP
NINSNGSICLDILRSQWSPALTISKVLLSICSLLCDPNPDDPLVPEIARIYKTDRDKYNRISREWTQKYAM
;
A
2 'polypeptide(L)' MQIFVKTLTGKTITLEVEPSDTIENVKAKIQDKEGIPPDQQRLIFAGKQLEDGRTLSDYNIQKESTLHLVLRLRGA B
#
loop_
_chem_comp.id
_chem_comp.type
_chem_comp.name
_chem_comp.formula
GOL non-polymer GLYCEROL 'C3 H8 O3'
#
# COMPACT_ATOMS: atom_id res chain seq x y z
N GLY A 1 29.46 5.66 17.99
CA GLY A 1 28.37 4.80 18.41
C GLY A 1 27.54 4.31 17.24
N PRO A 2 26.41 3.64 17.54
CA PRO A 2 25.47 3.17 16.51
C PRO A 2 24.98 4.33 15.63
N LEU A 3 24.74 5.47 16.26
CA LEU A 3 24.36 6.68 15.54
C LEU A 3 25.52 7.15 14.66
N GLY A 4 26.73 7.04 15.19
CA GLY A 4 27.92 7.46 14.47
C GLY A 4 28.21 6.61 13.25
N SER A 5 27.90 5.31 13.34
CA SER A 5 28.13 4.38 12.25
C SER A 5 27.18 4.67 11.09
N ALA A 6 25.93 4.99 11.41
CA ALA A 6 24.93 5.28 10.40
C ALA A 6 25.24 6.58 9.66
N LEU A 7 25.74 7.56 10.40
CA LEU A 7 26.00 8.90 9.85
C LEU A 7 26.97 8.88 8.68
N LYS A 8 28.05 8.10 8.80
CA LYS A 8 29.05 8.04 7.74
C LYS A 8 28.58 7.21 6.55
N ARG A 9 27.69 6.26 6.80
CA ARG A 9 27.10 5.47 5.74
C ARG A 9 26.17 6.34 4.91
N ILE A 10 25.41 7.19 5.60
CA ILE A 10 24.49 8.11 4.93
C ILE A 10 25.24 9.11 4.05
N ASN A 11 26.34 9.64 4.57
CA ASN A 11 27.16 10.59 3.82
C ASN A 11 27.80 9.95 2.59
N LYS A 12 28.22 8.70 2.73
CA LYS A 12 28.80 7.96 1.61
C LYS A 12 27.80 7.81 0.47
N GLU A 13 26.57 7.43 0.81
CA GLU A 13 25.52 7.27 -0.20
C GLU A 13 25.14 8.60 -0.83
N LEU A 14 25.24 9.67 -0.05
CA LEU A 14 24.91 11.00 -0.54
C LEU A 14 25.93 11.47 -1.57
N SER A 15 27.19 11.11 -1.35
CA SER A 15 28.26 11.48 -2.28
C SER A 15 28.20 10.63 -3.54
N ASP A 16 27.74 9.39 -3.40
CA ASP A 16 27.62 8.48 -4.53
C ASP A 16 26.48 8.91 -5.45
N LEU A 17 25.45 9.54 -4.87
CA LEU A 17 24.35 10.06 -5.65
C LEU A 17 24.77 11.30 -6.43
N ALA A 18 25.79 11.99 -5.93
CA ALA A 18 26.29 13.19 -6.58
C ALA A 18 27.15 12.82 -7.79
N ARG A 19 28.00 11.82 -7.61
CA ARG A 19 28.90 11.36 -8.67
C ARG A 19 28.11 10.66 -9.78
N ASP A 20 27.16 9.82 -9.40
CA ASP A 20 26.35 9.08 -10.36
C ASP A 20 24.86 9.31 -10.09
N PRO A 21 24.33 10.45 -10.57
CA PRO A 21 22.93 10.83 -10.34
C PRO A 21 21.94 9.86 -10.97
N PRO A 22 20.89 9.49 -10.23
CA PRO A 22 19.82 8.64 -10.77
C PRO A 22 19.00 9.38 -11.83
N ALA A 23 18.40 8.64 -12.75
CA ALA A 23 17.57 9.26 -13.77
C ALA A 23 16.14 9.43 -13.25
N GLN A 24 15.60 10.64 -13.44
CA GLN A 24 14.24 10.98 -13.01
C GLN A 24 14.03 10.80 -11.50
N CYS A 25 15.13 10.88 -10.75
CA CYS A 25 15.06 10.78 -9.29
C CYS A 25 16.09 11.68 -8.63
N SER A 26 15.73 12.23 -7.48
CA SER A 26 16.66 13.02 -6.68
C SER A 26 16.30 12.91 -5.20
N ALA A 27 17.29 13.07 -4.34
CA ALA A 27 17.09 12.96 -2.90
C ALA A 27 18.21 13.65 -2.15
N GLY A 28 17.91 14.10 -0.93
CA GLY A 28 18.89 14.75 -0.09
C GLY A 28 18.28 15.16 1.24
N PRO A 29 19.13 15.60 2.18
CA PRO A 29 18.68 16.04 3.50
C PRO A 29 17.68 17.19 3.42
N VAL A 30 16.63 17.15 4.22
CA VAL A 30 15.67 18.24 4.28
C VAL A 30 16.35 19.51 4.76
N GLY A 31 16.94 19.43 5.96
CA GLY A 31 17.66 20.54 6.53
C GLY A 31 19.11 20.17 6.81
N ASP A 32 19.48 20.21 8.08
CA ASP A 32 20.84 19.87 8.48
C ASP A 32 20.90 18.52 9.19
N ASP A 33 19.75 17.85 9.26
CA ASP A 33 19.68 16.51 9.84
C ASP A 33 19.85 15.47 8.74
N MET A 34 20.98 14.76 8.76
CA MET A 34 21.31 13.79 7.73
C MET A 34 20.42 12.55 7.75
N PHE A 35 19.76 12.31 8.87
CA PHE A 35 18.92 11.13 9.02
C PHE A 35 17.53 11.34 8.41
N HIS A 36 17.22 12.57 8.03
CA HIS A 36 15.90 12.87 7.46
C HIS A 36 16.03 13.46 6.06
N TRP A 37 15.66 12.66 5.06
CA TRP A 37 15.78 13.08 3.67
C TRP A 37 14.42 13.36 3.02
N GLN A 38 14.48 14.10 1.92
CA GLN A 38 13.31 14.36 1.09
C GLN A 38 13.66 13.93 -0.34
N ALA A 39 12.75 13.23 -1.00
CA ALA A 39 13.03 12.71 -2.33
C ALA A 39 11.93 13.04 -3.33
N THR A 40 12.29 13.05 -4.62
CA THR A 40 11.35 13.28 -5.69
C THR A 40 11.41 12.16 -6.72
N ILE A 41 10.25 11.78 -7.26
CA ILE A 41 10.19 10.80 -8.32
C ILE A 41 9.31 11.29 -9.45
N MET A 42 9.90 11.41 -10.65
CA MET A 42 9.12 11.78 -11.83
C MET A 42 8.26 10.59 -12.25
N GLY A 43 7.06 10.87 -12.75
CA GLY A 43 6.19 9.82 -13.23
C GLY A 43 6.80 9.10 -14.42
N PRO A 44 7.10 7.81 -14.27
CA PRO A 44 7.76 7.01 -15.31
C PRO A 44 7.00 7.02 -16.63
N ASN A 45 7.73 7.07 -17.73
CA ASN A 45 7.13 7.15 -19.06
C ASN A 45 6.25 5.97 -19.40
N ASP A 46 6.63 4.79 -18.89
CA ASP A 46 5.86 3.58 -19.13
C ASP A 46 4.87 3.33 -18.00
N SER A 47 4.14 4.38 -17.63
CA SER A 47 3.16 4.30 -16.55
C SER A 47 2.10 5.39 -16.73
N PRO A 48 0.92 5.20 -16.10
CA PRO A 48 -0.11 6.24 -16.16
C PRO A 48 0.17 7.42 -15.24
N TYR A 49 1.33 7.41 -14.58
CA TYR A 49 1.72 8.50 -13.69
C TYR A 49 2.64 9.49 -14.39
N GLN A 50 2.88 9.26 -15.68
CA GLN A 50 3.77 10.09 -16.49
C GLN A 50 3.32 11.55 -16.52
N GLY A 51 4.25 12.45 -16.21
CA GLY A 51 3.96 13.87 -16.23
C GLY A 51 3.85 14.45 -14.83
N GLY A 52 3.69 13.58 -13.83
CA GLY A 52 3.55 14.01 -12.46
C GLY A 52 4.83 13.95 -11.66
N VAL A 53 4.90 14.77 -10.61
CA VAL A 53 6.05 14.78 -9.72
C VAL A 53 5.63 14.34 -8.32
N PHE A 54 6.26 13.30 -7.80
CA PHE A 54 5.87 12.72 -6.53
C PHE A 54 6.95 12.88 -5.46
N PHE A 55 6.60 13.49 -4.34
CA PHE A 55 7.55 13.71 -3.26
C PHE A 55 7.48 12.60 -2.21
N LEU A 56 8.63 12.23 -1.67
CA LEU A 56 8.70 11.19 -0.67
C LEU A 56 9.56 11.65 0.52
N THR A 57 9.28 11.08 1.69
CA THR A 57 10.14 11.29 2.85
C THR A 57 10.98 10.06 3.08
N ILE A 58 12.24 10.26 3.44
CA ILE A 58 13.13 9.16 3.76
C ILE A 58 13.77 9.39 5.12
N HIS A 59 13.52 8.49 6.05
CA HIS A 59 14.11 8.58 7.37
C HIS A 59 15.03 7.40 7.65
N PHE A 60 16.27 7.69 7.99
CA PHE A 60 17.24 6.66 8.32
C PHE A 60 17.20 6.34 9.81
N PRO A 61 16.99 5.07 10.16
CA PRO A 61 17.08 4.66 11.57
C PRO A 61 18.51 4.74 12.07
N THR A 62 18.70 4.69 13.39
CA THR A 62 20.02 4.83 13.97
C THR A 62 20.87 3.57 13.75
N ASP A 63 20.23 2.47 13.39
CA ASP A 63 20.94 1.22 13.15
C ASP A 63 21.18 0.98 11.67
N TYR A 64 20.93 2.01 10.86
CA TYR A 64 21.22 1.96 9.43
C TYR A 64 22.71 1.71 9.22
N PRO A 65 23.08 0.87 8.24
CA PRO A 65 22.24 0.18 7.25
C PRO A 65 21.74 -1.19 7.67
N PHE A 66 21.95 -1.57 8.93
CA PHE A 66 21.54 -2.89 9.40
C PHE A 66 20.02 -3.00 9.48
N LYS A 67 19.36 -1.86 9.59
CA LYS A 67 17.91 -1.80 9.48
C LYS A 67 17.55 -0.95 8.26
N PRO A 68 16.46 -1.30 7.56
CA PRO A 68 16.08 -0.59 6.35
C PRO A 68 15.65 0.86 6.62
N PRO A 69 15.79 1.74 5.64
CA PRO A 69 15.30 3.11 5.78
C PRO A 69 13.77 3.14 5.67
N LYS A 70 13.16 4.14 6.29
CA LYS A 70 11.70 4.25 6.28
C LYS A 70 11.25 5.24 5.22
N VAL A 71 10.58 4.73 4.20
CA VAL A 71 10.19 5.53 3.05
C VAL A 71 8.67 5.62 2.90
N ALA A 72 8.17 6.82 2.66
CA ALA A 72 6.74 7.04 2.46
C ALA A 72 6.45 8.17 1.48
N PHE A 73 5.35 8.05 0.76
CA PHE A 73 4.91 9.11 -0.14
C PHE A 73 4.23 10.24 0.62
N THR A 74 4.48 11.47 0.21
CA THR A 74 3.76 12.61 0.75
C THR A 74 2.73 13.07 -0.27
N THR A 75 3.04 12.84 -1.53
CA THR A 75 2.12 13.14 -2.63
C THR A 75 1.13 12.00 -2.78
N ARG A 76 -0.15 12.32 -2.90
CA ARG A 76 -1.16 11.27 -3.06
C ARG A 76 -1.09 10.63 -4.44
N ILE A 77 -1.28 9.32 -4.46
CA ILE A 77 -1.13 8.54 -5.68
C ILE A 77 -2.11 7.36 -5.70
N TYR A 78 -2.64 7.05 -6.88
CA TYR A 78 -3.59 5.94 -7.04
C TYR A 78 -2.82 4.66 -7.37
N HIS A 79 -2.62 3.83 -6.36
CA HIS A 79 -1.78 2.63 -6.50
C HIS A 79 -2.24 1.53 -5.54
N PRO A 80 -2.22 0.26 -6.00
CA PRO A 80 -2.65 -0.85 -5.15
C PRO A 80 -1.66 -1.19 -4.05
N ASN A 81 -0.41 -0.79 -4.21
CA ASN A 81 0.62 -1.09 -3.22
C ASN A 81 0.97 0.12 -2.34
N ILE A 82 0.24 1.22 -2.54
CA ILE A 82 0.45 2.45 -1.78
C ILE A 82 -0.88 3.01 -1.30
N ASN A 83 -1.05 3.16 0.02
CA ASN A 83 -2.32 3.60 0.57
C ASN A 83 -2.45 5.13 0.63
N SER A 84 -3.56 5.60 1.19
CA SER A 84 -3.86 7.02 1.26
C SER A 84 -2.89 7.79 2.17
N ASN A 85 -2.27 7.08 3.11
CA ASN A 85 -1.31 7.70 4.02
C ASN A 85 0.08 7.80 3.41
N GLY A 86 0.27 7.15 2.26
CA GLY A 86 1.54 7.16 1.58
C GLY A 86 2.43 6.00 1.95
N SER A 87 1.90 5.08 2.77
CA SER A 87 2.65 3.89 3.17
C SER A 87 2.86 2.98 1.97
N ILE A 88 4.04 2.39 1.89
CA ILE A 88 4.42 1.57 0.74
C ILE A 88 4.61 0.10 1.11
N CYS A 89 4.05 -0.79 0.31
CA CYS A 89 4.26 -2.22 0.48
C CYS A 89 5.28 -2.70 -0.53
N LEU A 90 6.51 -2.95 -0.06
CA LEU A 90 7.59 -3.37 -0.93
C LEU A 90 8.61 -4.20 -0.15
N ASP A 91 8.96 -5.36 -0.70
CA ASP A 91 9.83 -6.32 -0.01
C ASP A 91 11.18 -5.75 0.38
N ILE A 92 11.75 -4.90 -0.48
CA ILE A 92 13.08 -4.34 -0.27
C ILE A 92 13.12 -3.45 0.97
N LEU A 93 11.95 -2.97 1.40
CA LEU A 93 11.86 -2.10 2.56
C LEU A 93 11.62 -2.88 3.85
N ARG A 94 11.58 -4.20 3.74
CA ARG A 94 11.28 -5.04 4.91
C ARG A 94 12.04 -6.36 4.89
N SER A 95 11.33 -7.43 4.50
CA SER A 95 11.88 -8.79 4.60
C SER A 95 13.06 -9.04 3.66
N GLN A 96 13.16 -8.27 2.59
CA GLN A 96 14.22 -8.47 1.62
C GLN A 96 15.23 -7.33 1.61
N TRP A 97 15.29 -6.59 2.72
CA TRP A 97 16.30 -5.56 2.86
C TRP A 97 17.68 -6.16 3.06
N SER A 98 18.69 -5.50 2.52
CA SER A 98 20.08 -5.91 2.70
C SER A 98 20.98 -4.69 2.81
N PRO A 99 21.92 -4.70 3.75
CA PRO A 99 22.87 -3.60 3.96
C PRO A 99 23.67 -3.26 2.71
N ALA A 100 23.80 -4.24 1.80
CA ALA A 100 24.51 -4.03 0.55
C ALA A 100 23.73 -3.12 -0.39
N LEU A 101 22.42 -3.02 -0.17
CA LEU A 101 21.56 -2.20 -1.01
C LEU A 101 21.66 -0.73 -0.65
N THR A 102 21.28 0.14 -1.58
CA THR A 102 21.41 1.58 -1.40
C THR A 102 20.08 2.31 -1.57
N ILE A 103 20.07 3.59 -1.20
CA ILE A 103 18.89 4.43 -1.40
C ILE A 103 18.57 4.53 -2.89
N SER A 104 19.61 4.60 -3.71
CA SER A 104 19.47 4.63 -5.17
C SER A 104 18.73 3.40 -5.67
N LYS A 105 19.06 2.24 -5.12
CA LYS A 105 18.40 1.00 -5.50
C LYS A 105 16.96 0.96 -5.00
N VAL A 106 16.72 1.56 -3.83
CA VAL A 106 15.38 1.64 -3.28
C VAL A 106 14.48 2.51 -4.16
N LEU A 107 14.98 3.68 -4.55
CA LEU A 107 14.23 4.58 -5.43
C LEU A 107 13.95 3.94 -6.78
N LEU A 108 14.91 3.20 -7.30
CA LEU A 108 14.74 2.48 -8.57
C LEU A 108 13.69 1.38 -8.43
N SER A 109 13.66 0.73 -7.27
CA SER A 109 12.69 -0.33 -7.01
C SER A 109 11.28 0.24 -6.90
N ILE A 110 11.17 1.47 -6.39
CA ILE A 110 9.89 2.16 -6.31
C ILE A 110 9.42 2.58 -7.69
N CYS A 111 10.37 3.01 -8.52
CA CYS A 111 10.07 3.39 -9.89
C CYS A 111 9.46 2.23 -10.67
N SER A 112 10.02 1.04 -10.47
CA SER A 112 9.51 -0.17 -11.10
C SER A 112 8.14 -0.54 -10.57
N LEU A 113 7.91 -0.25 -9.29
CA LEU A 113 6.63 -0.53 -8.64
C LEU A 113 5.51 0.29 -9.27
N LEU A 114 5.85 1.48 -9.75
CA LEU A 114 4.87 2.35 -10.39
C LEU A 114 4.54 1.87 -11.79
N CYS A 115 5.48 1.18 -12.42
CA CYS A 115 5.29 0.64 -13.76
C CYS A 115 4.59 -0.70 -13.73
N ASP A 116 4.88 -1.48 -12.69
CA ASP A 116 4.32 -2.81 -12.55
C ASP A 116 4.00 -3.12 -11.08
N PRO A 117 2.77 -2.78 -10.65
CA PRO A 117 2.29 -3.05 -9.29
C PRO A 117 2.25 -4.54 -8.96
N ASN A 118 2.09 -4.85 -7.67
CA ASN A 118 1.94 -6.22 -7.21
C ASN A 118 0.55 -6.40 -6.58
N PRO A 119 -0.46 -6.65 -7.42
CA PRO A 119 -1.87 -6.65 -7.00
C PRO A 119 -2.26 -7.83 -6.11
N ASP A 120 -1.54 -8.94 -6.19
CA ASP A 120 -1.90 -10.14 -5.45
C ASP A 120 -1.70 -9.98 -3.93
N ASP A 121 -0.71 -9.17 -3.56
CA ASP A 121 -0.49 -8.83 -2.16
C ASP A 121 -0.56 -7.32 -1.99
N PRO A 122 -1.76 -6.76 -2.05
CA PRO A 122 -1.97 -5.30 -2.13
C PRO A 122 -2.05 -4.61 -0.78
N LEU A 123 -2.04 -3.28 -0.83
CA LEU A 123 -2.27 -2.46 0.36
C LEU A 123 -3.67 -1.85 0.25
N VAL A 124 -4.14 -1.70 -0.99
CA VAL A 124 -5.49 -1.22 -1.24
C VAL A 124 -6.22 -2.21 -2.17
N PRO A 125 -6.97 -3.14 -1.57
CA PRO A 125 -7.67 -4.23 -2.28
C PRO A 125 -8.57 -3.76 -3.43
N GLU A 126 -9.27 -2.65 -3.25
CA GLU A 126 -10.17 -2.14 -4.29
C GLU A 126 -9.39 -1.72 -5.54
N ILE A 127 -8.27 -1.03 -5.33
CA ILE A 127 -7.45 -0.59 -6.46
C ILE A 127 -6.81 -1.79 -7.17
N ALA A 128 -6.39 -2.77 -6.38
CA ALA A 128 -5.81 -3.99 -6.94
C ALA A 128 -6.82 -4.73 -7.81
N ARG A 129 -8.08 -4.77 -7.36
CA ARG A 129 -9.15 -5.41 -8.09
C ARG A 129 -9.35 -4.76 -9.46
N ILE A 130 -9.29 -3.43 -9.49
CA ILE A 130 -9.47 -2.69 -10.73
C ILE A 130 -8.28 -2.90 -11.65
N TYR A 131 -7.07 -2.92 -11.07
CA TYR A 131 -5.86 -3.16 -11.84
C TYR A 131 -5.91 -4.51 -12.55
N LYS A 132 -6.30 -5.55 -11.81
CA LYS A 132 -6.33 -6.90 -12.34
C LYS A 132 -7.42 -7.12 -13.39
N THR A 133 -8.62 -6.62 -13.11
CA THR A 133 -9.79 -6.99 -13.89
C THR A 133 -10.20 -5.94 -14.93
N ASP A 134 -9.84 -4.68 -14.69
CA ASP A 134 -10.19 -3.62 -15.61
C ASP A 134 -9.04 -2.63 -15.76
N ARG A 135 -8.02 -3.03 -16.50
CA ARG A 135 -6.79 -2.26 -16.64
C ARG A 135 -7.04 -0.87 -17.21
N ASP A 136 -8.01 -0.77 -18.11
CA ASP A 136 -8.36 0.51 -18.72
C ASP A 136 -8.87 1.49 -17.67
N LYS A 137 -9.71 1.00 -16.77
CA LYS A 137 -10.23 1.82 -15.69
C LYS A 137 -9.12 2.24 -14.73
N TYR A 138 -8.20 1.31 -14.48
CA TYR A 138 -7.04 1.60 -13.62
C TYR A 138 -6.20 2.73 -14.20
N ASN A 139 -5.84 2.60 -15.47
CA ASN A 139 -5.05 3.62 -16.16
C ASN A 139 -5.77 4.95 -16.22
N ARG A 140 -7.08 4.90 -16.47
CA ARG A 140 -7.90 6.11 -16.57
C ARG A 140 -7.92 6.89 -15.25
N ILE A 141 -8.14 6.17 -14.15
CA ILE A 141 -8.21 6.81 -12.83
C ILE A 141 -6.83 7.26 -12.35
N SER A 142 -5.81 6.45 -12.63
CA SER A 142 -4.44 6.79 -12.26
C SER A 142 -4.02 8.14 -12.87
N ARG A 143 -4.35 8.34 -14.14
CA ARG A 143 -4.02 9.58 -14.83
C ARG A 143 -4.75 10.77 -14.22
N GLU A 144 -6.00 10.53 -13.79
CA GLU A 144 -6.81 11.59 -13.19
C GLU A 144 -6.21 12.08 -11.88
N TRP A 145 -5.78 11.15 -11.04
CA TRP A 145 -5.16 11.51 -9.76
C TRP A 145 -3.81 12.20 -9.99
N THR A 146 -3.12 11.80 -11.05
CA THR A 146 -1.85 12.43 -11.40
C THR A 146 -2.07 13.89 -11.75
N GLN A 147 -3.13 14.16 -12.51
CA GLN A 147 -3.47 15.52 -12.92
C GLN A 147 -3.83 16.40 -11.72
N LYS A 148 -4.48 15.80 -10.74
CA LYS A 148 -5.03 16.56 -9.62
C LYS A 148 -4.02 16.83 -8.50
N TYR A 149 -3.09 15.91 -8.28
CA TYR A 149 -2.24 15.99 -7.10
C TYR A 149 -0.74 15.98 -7.40
N ALA A 150 -0.37 15.55 -8.60
CA ALA A 150 1.04 15.43 -8.94
C ALA A 150 1.46 16.50 -9.95
N MET A 151 0.59 17.48 -10.19
CA MET A 151 0.91 18.55 -11.12
C MET A 151 1.20 19.87 -10.39
N MET B 1 -32.72 -14.24 4.38
CA MET B 1 -32.32 -13.19 5.32
C MET B 1 -31.41 -12.18 4.64
N GLN B 2 -31.55 -10.91 5.01
CA GLN B 2 -30.81 -9.84 4.39
C GLN B 2 -29.95 -9.08 5.40
N ILE B 3 -28.64 -9.05 5.17
CA ILE B 3 -27.74 -8.29 6.02
C ILE B 3 -26.96 -7.26 5.20
N PHE B 4 -26.27 -6.35 5.89
CA PHE B 4 -25.51 -5.31 5.22
C PHE B 4 -24.03 -5.35 5.58
N VAL B 5 -23.19 -4.92 4.65
CA VAL B 5 -21.76 -4.86 4.88
C VAL B 5 -21.23 -3.48 4.50
N LYS B 6 -20.67 -2.76 5.47
CA LYS B 6 -20.16 -1.42 5.22
C LYS B 6 -18.64 -1.42 5.06
N THR B 7 -18.16 -0.77 4.01
CA THR B 7 -16.73 -0.69 3.74
C THR B 7 -16.13 0.59 4.30
N LEU B 8 -14.81 0.69 4.28
CA LEU B 8 -14.12 1.88 4.77
C LEU B 8 -14.36 3.08 3.85
N THR B 9 -14.66 2.80 2.59
CA THR B 9 -14.91 3.84 1.61
C THR B 9 -16.30 4.44 1.78
N GLY B 10 -17.16 3.73 2.51
CA GLY B 10 -18.51 4.22 2.78
C GLY B 10 -19.58 3.45 2.04
N LYS B 11 -19.17 2.61 1.10
CA LYS B 11 -20.12 1.80 0.32
C LYS B 11 -20.83 0.78 1.19
N THR B 12 -22.15 0.70 1.04
CA THR B 12 -22.95 -0.29 1.76
C THR B 12 -23.32 -1.45 0.85
N ILE B 13 -22.90 -2.66 1.24
CA ILE B 13 -23.17 -3.84 0.45
C ILE B 13 -24.40 -4.59 0.98
N THR B 14 -25.27 -5.01 0.07
CA THR B 14 -26.47 -5.74 0.46
C THR B 14 -26.35 -7.22 0.06
N LEU B 15 -26.40 -8.10 1.04
CA LEU B 15 -26.22 -9.53 0.81
C LEU B 15 -27.46 -10.34 1.21
N GLU B 16 -27.69 -11.42 0.46
CA GLU B 16 -28.75 -12.38 0.80
C GLU B 16 -28.14 -13.63 1.42
N VAL B 17 -28.40 -13.84 2.70
CA VAL B 17 -27.76 -14.93 3.45
C VAL B 17 -28.76 -15.77 4.22
N GLU B 18 -28.25 -16.81 4.87
CA GLU B 18 -29.04 -17.65 5.75
C GLU B 18 -28.34 -17.77 7.10
N PRO B 19 -29.11 -17.99 8.18
CA PRO B 19 -28.53 -18.10 9.54
C PRO B 19 -27.50 -19.22 9.66
N SER B 20 -27.60 -20.24 8.82
CA SER B 20 -26.69 -21.38 8.89
C SER B 20 -25.44 -21.18 8.04
N ASP B 21 -25.38 -20.07 7.32
CA ASP B 21 -24.22 -19.77 6.49
C ASP B 21 -23.00 -19.45 7.33
N THR B 22 -21.87 -20.05 6.99
CA THR B 22 -20.61 -19.79 7.69
C THR B 22 -20.04 -18.44 7.28
N ILE B 23 -19.07 -17.95 8.05
CA ILE B 23 -18.43 -16.68 7.74
C ILE B 23 -17.69 -16.76 6.42
N GLU B 24 -17.13 -17.94 6.13
CA GLU B 24 -16.44 -18.18 4.88
C GLU B 24 -17.39 -18.05 3.69
N ASN B 25 -18.61 -18.56 3.86
CA ASN B 25 -19.64 -18.43 2.83
C ASN B 25 -19.98 -16.96 2.58
N VAL B 26 -20.06 -16.18 3.65
CA VAL B 26 -20.35 -14.75 3.55
C VAL B 26 -19.24 -14.03 2.80
N LYS B 27 -18.00 -14.39 3.10
CA LYS B 27 -16.84 -13.81 2.42
C LYS B 27 -16.83 -14.17 0.94
N ALA B 28 -17.37 -15.33 0.62
CA ALA B 28 -17.49 -15.76 -0.77
C ALA B 28 -18.52 -14.92 -1.50
N LYS B 29 -19.61 -14.59 -0.81
CA LYS B 29 -20.66 -13.74 -1.36
C LYS B 29 -20.14 -12.33 -1.61
N ILE B 30 -19.31 -11.84 -0.69
CA ILE B 30 -18.69 -10.53 -0.85
C ILE B 30 -17.78 -10.52 -2.06
N GLN B 31 -17.10 -11.63 -2.29
CA GLN B 31 -16.23 -11.79 -3.46
C GLN B 31 -17.05 -11.75 -4.75
N ASP B 32 -18.29 -12.26 -4.69
CA ASP B 32 -19.15 -12.29 -5.85
C ASP B 32 -19.60 -10.89 -6.28
N LYS B 33 -19.78 -10.01 -5.31
CA LYS B 33 -20.26 -8.67 -5.59
C LYS B 33 -19.14 -7.64 -5.74
N GLU B 34 -18.06 -7.82 -5.00
CA GLU B 34 -16.98 -6.83 -4.97
C GLU B 34 -15.72 -7.30 -5.68
N GLY B 35 -15.55 -8.61 -5.80
CA GLY B 35 -14.40 -9.16 -6.48
C GLY B 35 -13.18 -9.28 -5.59
N ILE B 36 -13.32 -8.90 -4.34
CA ILE B 36 -12.22 -8.99 -3.37
C ILE B 36 -12.15 -10.38 -2.74
N PRO B 37 -11.02 -11.06 -2.93
CA PRO B 37 -10.83 -12.43 -2.41
C PRO B 37 -10.95 -12.51 -0.90
N PRO B 38 -11.46 -13.64 -0.38
CA PRO B 38 -11.73 -13.85 1.04
C PRO B 38 -10.52 -13.63 1.94
N ASP B 39 -9.33 -13.96 1.46
CA ASP B 39 -8.12 -13.84 2.28
C ASP B 39 -7.74 -12.38 2.52
N GLN B 40 -8.31 -11.47 1.73
CA GLN B 40 -8.08 -10.04 1.90
C GLN B 40 -9.25 -9.42 2.66
N GLN B 41 -10.17 -10.25 3.13
CA GLN B 41 -11.35 -9.78 3.85
C GLN B 41 -11.21 -9.99 5.36
N ARG B 42 -11.84 -9.09 6.12
CA ARG B 42 -11.82 -9.17 7.57
C ARG B 42 -13.13 -8.60 8.10
N LEU B 43 -13.95 -9.44 8.73
CA LEU B 43 -15.28 -9.02 9.15
C LEU B 43 -15.36 -8.74 10.65
N ILE B 44 -16.02 -7.64 11.00
CA ILE B 44 -16.16 -7.22 12.39
C ILE B 44 -17.65 -7.05 12.73
N PHE B 45 -18.04 -7.59 13.88
CA PHE B 45 -19.40 -7.42 14.38
C PHE B 45 -19.47 -7.64 15.89
N ALA B 46 -20.29 -6.83 16.56
CA ALA B 46 -20.47 -6.90 18.01
C ALA B 46 -19.14 -6.82 18.75
N GLY B 47 -18.21 -6.06 18.21
CA GLY B 47 -16.91 -5.86 18.82
C GLY B 47 -15.96 -7.03 18.69
N LYS B 48 -16.28 -7.95 17.79
CA LYS B 48 -15.47 -9.16 17.62
C LYS B 48 -15.14 -9.44 16.16
N GLN B 49 -13.94 -9.97 15.94
CA GLN B 49 -13.51 -10.41 14.62
C GLN B 49 -14.13 -11.75 14.29
N LEU B 50 -15.01 -11.76 13.29
CA LEU B 50 -15.72 -12.98 12.90
C LEU B 50 -14.76 -14.01 12.34
N GLU B 51 -14.77 -15.20 12.95
CA GLU B 51 -13.84 -16.25 12.56
C GLU B 51 -14.42 -17.18 11.52
N ASP B 52 -13.58 -17.60 10.57
CA ASP B 52 -13.97 -18.58 9.58
C ASP B 52 -14.14 -19.94 10.24
N GLY B 53 -15.33 -20.53 10.10
CA GLY B 53 -15.63 -21.81 10.71
C GLY B 53 -16.90 -21.76 11.53
N ARG B 54 -17.34 -20.54 11.86
CA ARG B 54 -18.58 -20.37 12.61
C ARG B 54 -19.66 -19.76 11.74
N THR B 55 -20.91 -19.97 12.14
CA THR B 55 -22.06 -19.50 11.36
C THR B 55 -22.56 -18.15 11.86
N LEU B 56 -23.47 -17.56 11.11
CA LEU B 56 -24.07 -16.28 11.48
C LEU B 56 -24.90 -16.40 12.75
N SER B 57 -25.52 -17.57 12.92
CA SER B 57 -26.35 -17.82 14.10
C SER B 57 -25.50 -18.02 15.35
N ASP B 58 -24.26 -18.47 15.15
CA ASP B 58 -23.33 -18.63 16.25
C ASP B 58 -23.00 -17.28 16.88
N TYR B 59 -22.87 -16.25 16.04
CA TYR B 59 -22.66 -14.90 16.51
C TYR B 59 -23.99 -14.19 16.71
N ASN B 60 -25.08 -14.93 16.52
CA ASN B 60 -26.44 -14.40 16.62
C ASN B 60 -26.66 -13.17 15.74
N ILE B 61 -26.18 -13.25 14.50
CA ILE B 61 -26.41 -12.19 13.52
C ILE B 61 -27.74 -12.38 12.84
N GLN B 62 -28.63 -11.41 12.98
CA GLN B 62 -29.98 -11.52 12.43
C GLN B 62 -30.19 -10.57 11.25
N LYS B 63 -31.45 -10.39 10.86
CA LYS B 63 -31.80 -9.57 9.71
C LYS B 63 -31.47 -8.10 9.93
N GLU B 64 -31.18 -7.39 8.84
CA GLU B 64 -30.87 -5.97 8.86
C GLU B 64 -29.65 -5.62 9.69
N SER B 65 -28.80 -6.62 9.96
CA SER B 65 -27.56 -6.38 10.68
C SER B 65 -26.50 -5.82 9.74
N THR B 66 -25.68 -4.90 10.26
CA THR B 66 -24.62 -4.29 9.47
C THR B 66 -23.24 -4.74 9.94
N LEU B 67 -22.52 -5.42 9.05
CA LEU B 67 -21.16 -5.84 9.35
C LEU B 67 -20.17 -4.81 8.85
N HIS B 68 -18.98 -4.78 9.45
CA HIS B 68 -17.92 -3.87 9.02
C HIS B 68 -16.81 -4.64 8.31
N LEU B 69 -16.56 -4.28 7.07
CA LEU B 69 -15.49 -4.90 6.29
C LEU B 69 -14.22 -4.07 6.37
N VAL B 70 -13.16 -4.68 6.90
CA VAL B 70 -11.87 -3.99 7.00
C VAL B 70 -10.78 -4.78 6.29
N LEU B 71 -9.56 -4.27 6.36
CA LEU B 71 -8.44 -4.86 5.62
C LEU B 71 -7.83 -6.06 6.35
N ARG B 72 -7.34 -7.01 5.56
CA ARG B 72 -6.56 -8.13 6.11
C ARG B 72 -5.23 -8.22 5.39
N LEU B 73 -4.19 -7.68 6.00
CA LEU B 73 -2.89 -7.56 5.36
C LEU B 73 -2.02 -8.80 5.54
N ARG B 74 -1.33 -9.20 4.48
CA ARG B 74 -0.43 -10.35 4.52
C ARG B 74 0.96 -10.00 4.01
N GLY B 75 1.74 -9.33 4.86
CA GLY B 75 3.12 -9.01 4.54
C GLY B 75 3.29 -7.96 3.46
N ALA B 76 3.37 -6.70 3.86
CA ALA B 76 3.65 -5.60 2.95
C ALA B 76 4.17 -4.39 3.72
C1 GOL C . -15.05 6.77 -11.85
O1 GOL C . -14.57 5.48 -12.22
C2 GOL C . -16.11 6.62 -10.77
O2 GOL C . -15.98 7.67 -9.83
C3 GOL C . -17.50 6.70 -11.40
O3 GOL C . -18.48 6.80 -10.40
#